data_7OG3
#
_entry.id   7OG3
#
_cell.length_a   73.856
_cell.length_b   75.746
_cell.length_c   97.081
_cell.angle_alpha   90
_cell.angle_beta   90
_cell.angle_gamma   90
#
_symmetry.space_group_name_H-M   'P 21 21 21'
#
loop_
_entity.id
_entity.type
_entity.pdbx_description
1 polymer 'NAD(P)-dependent oxidoreductase'
2 non-polymer 'NADPH DIHYDRO-NICOTINAMIDE-ADENINE-DINUCLEOTIDE PHOSPHATE'
3 non-polymer 'SODIUM ION'
4 water water
#
_entity_poly.entity_id   1
_entity_poly.type   'polypeptide(L)'
_entity_poly.pdbx_seq_one_letter_code
;MGSSHHHHHHSSGLVPRGSHTNHASTATTSPAPVTVVGLGPMGLVLAEVLLAKGHPTTVWNRTPERASGLVAQGASLAAS
ITDAVSASPVTIMCLNNYATMYEVFGPAREALRDRVLVNLNSGTPQEVRAAVSWASDLGTRYLDGAIMVPPPLVGRPDAV
FLYSGDRAVLDEHRATLASLGDPRFLGADPTLAVLYNTALLHMMYATLNGYLQATALVGSAGVSATEFADIALGWFAPSV
LAPSSLAAHAVDLDKGNYPGTLGTLRMNVNALEHIARAAEEQGVHSELPHLMREVAERAVAQGHGDHNYMSVYEAFKQPS
PAS
;
_entity_poly.pdbx_strand_id   A,B
#
# COMPACT_ATOMS: atom_id res chain seq x y z
N PRO A 31 31.98 -6.69 28.02
CA PRO A 31 30.77 -7.24 27.39
C PRO A 31 30.34 -8.50 28.14
N ALA A 32 29.13 -8.50 28.67
CA ALA A 32 28.62 -9.60 29.50
C ALA A 32 28.36 -10.90 28.75
N PRO A 33 28.43 -12.04 29.45
CA PRO A 33 28.10 -13.32 28.80
C PRO A 33 26.62 -13.36 28.40
N VAL A 34 26.34 -13.97 27.26
CA VAL A 34 24.98 -14.05 26.75
C VAL A 34 24.72 -15.45 26.16
N THR A 35 23.47 -15.91 26.29
CA THR A 35 23.05 -17.16 25.70
C THR A 35 22.07 -16.90 24.52
N VAL A 36 22.25 -17.58 23.39
CA VAL A 36 21.31 -17.50 22.27
C VAL A 36 20.67 -18.88 22.10
N VAL A 37 19.35 -18.95 22.17
CA VAL A 37 18.63 -20.23 22.00
C VAL A 37 17.87 -20.13 20.68
N GLY A 38 18.22 -20.99 19.72
CA GLY A 38 17.59 -20.95 18.41
C GLY A 38 18.59 -20.49 17.38
N LEU A 39 19.01 -21.40 16.52
CA LEU A 39 20.03 -21.12 15.52
C LEU A 39 19.52 -21.26 14.10
N GLY A 40 18.37 -20.68 13.86
CA GLY A 40 17.86 -20.50 12.51
C GLY A 40 18.64 -19.35 11.89
N PRO A 41 18.28 -18.95 10.66
CA PRO A 41 19.03 -17.85 10.00
C PRO A 41 19.19 -16.58 10.84
N MET A 42 18.16 -16.22 11.62
CA MET A 42 18.25 -15.03 12.45
C MET A 42 19.10 -15.31 13.72
N GLY A 43 18.84 -16.41 14.44
CA GLY A 43 19.59 -16.72 15.65
C GLY A 43 21.07 -16.88 15.42
N LEU A 44 21.46 -17.45 14.25
CA LEU A 44 22.86 -17.61 13.88
C LEU A 44 23.54 -16.23 13.81
N VAL A 45 22.87 -15.24 13.19
CA VAL A 45 23.46 -13.91 13.07
C VAL A 45 23.46 -13.20 14.41
N LEU A 46 22.42 -13.35 15.25
CA LEU A 46 22.44 -12.74 16.60
C LEU A 46 23.70 -13.20 17.38
N ALA A 47 23.96 -14.52 17.35
CA ALA A 47 25.12 -15.10 18.05
C ALA A 47 26.44 -14.65 17.44
N GLU A 48 26.51 -14.61 16.10
CA GLU A 48 27.71 -14.19 15.36
C GLU A 48 28.06 -12.74 15.70
N VAL A 49 27.05 -11.86 15.74
CA VAL A 49 27.26 -10.46 16.10
C VAL A 49 27.68 -10.31 17.58
N LEU A 50 27.00 -11.00 18.52
CA LEU A 50 27.36 -10.93 19.94
C LEU A 50 28.82 -11.39 20.16
N LEU A 51 29.23 -12.43 19.43
CA LEU A 51 30.59 -12.97 19.46
C LEU A 51 31.59 -11.93 18.94
N ALA A 52 31.32 -11.33 17.76
CA ALA A 52 32.17 -10.31 17.15
C ALA A 52 32.29 -9.08 18.04
N LYS A 53 31.21 -8.73 18.77
CA LYS A 53 31.24 -7.59 19.68
C LYS A 53 31.91 -7.92 21.05
N GLY A 54 32.51 -9.10 21.17
CA GLY A 54 33.25 -9.50 22.37
C GLY A 54 32.52 -10.22 23.49
N HIS A 55 31.21 -10.54 23.31
CA HIS A 55 30.49 -11.24 24.37
C HIS A 55 30.83 -12.71 24.42
N PRO A 56 31.07 -13.25 25.62
CA PRO A 56 31.23 -14.71 25.76
C PRO A 56 29.86 -15.31 25.45
N THR A 57 29.79 -16.06 24.35
CA THR A 57 28.49 -16.49 23.83
C THR A 57 28.26 -17.98 23.92
N THR A 58 27.20 -18.37 24.61
CA THR A 58 26.79 -19.76 24.70
C THR A 58 25.58 -19.93 23.78
N VAL A 59 25.57 -20.99 22.95
CA VAL A 59 24.45 -21.23 22.05
C VAL A 59 23.82 -22.59 22.28
N TRP A 60 22.56 -22.71 21.92
CA TRP A 60 21.84 -23.97 21.96
C TRP A 60 20.87 -24.01 20.78
N ASN A 61 20.71 -25.18 20.20
CA ASN A 61 19.78 -25.41 19.11
C ASN A 61 19.34 -26.86 19.15
N ARG A 62 18.10 -27.16 18.76
CA ARG A 62 17.61 -28.55 18.74
C ARG A 62 18.54 -29.47 17.90
N THR A 63 18.97 -28.96 16.74
CA THR A 63 19.89 -29.66 15.83
C THR A 63 21.24 -29.02 16.08
N PRO A 64 22.13 -29.69 16.85
CA PRO A 64 23.38 -29.02 17.27
C PRO A 64 24.34 -28.65 16.15
N GLU A 65 24.30 -29.33 15.01
CA GLU A 65 25.19 -29.04 13.87
C GLU A 65 25.06 -27.61 13.33
N ARG A 66 23.94 -26.92 13.61
CA ARG A 66 23.80 -25.52 13.20
C ARG A 66 24.83 -24.62 13.92
N ALA A 67 25.37 -25.07 15.06
CA ALA A 67 26.37 -24.29 15.80
C ALA A 67 27.80 -24.51 15.32
N SER A 68 28.03 -25.33 14.28
CA SER A 68 29.39 -25.64 13.82
C SER A 68 30.25 -24.42 13.54
N GLY A 69 29.72 -23.47 12.77
CA GLY A 69 30.44 -22.25 12.42
C GLY A 69 30.63 -21.35 13.61
N LEU A 70 29.61 -21.23 14.46
CA LEU A 70 29.70 -20.42 15.67
C LEU A 70 30.76 -20.94 16.62
N VAL A 71 30.88 -22.27 16.75
CA VAL A 71 31.90 -22.88 17.60
C VAL A 71 33.30 -22.58 17.06
N ALA A 72 33.46 -22.61 15.72
CA ALA A 72 34.74 -22.24 15.09
C ALA A 72 35.08 -20.76 15.38
N GLN A 73 34.06 -19.90 15.57
CA GLN A 73 34.26 -18.49 15.89
C GLN A 73 34.47 -18.20 17.40
N GLY A 74 34.41 -19.20 18.27
CA GLY A 74 34.62 -18.98 19.70
C GLY A 74 33.41 -19.16 20.61
N ALA A 75 32.24 -19.52 20.05
CA ALA A 75 31.05 -19.74 20.89
C ALA A 75 31.15 -21.10 21.58
N SER A 76 30.43 -21.23 22.70
CA SER A 76 30.38 -22.46 23.45
C SER A 76 29.02 -23.14 23.17
N LEU A 77 29.03 -24.39 22.65
CA LEU A 77 27.78 -25.12 22.40
C LEU A 77 27.34 -25.76 23.72
N ALA A 78 26.22 -25.31 24.28
CA ALA A 78 25.71 -25.88 25.51
C ALA A 78 25.30 -27.32 25.28
N ALA A 79 25.56 -28.17 26.28
CA ALA A 79 25.19 -29.59 26.18
C ALA A 79 23.68 -29.77 26.30
N SER A 80 22.97 -28.84 26.96
CA SER A 80 21.54 -28.93 27.18
C SER A 80 20.90 -27.56 27.31
N ILE A 81 19.56 -27.49 27.24
CA ILE A 81 18.87 -26.22 27.41
C ILE A 81 19.09 -25.66 28.83
N THR A 82 19.17 -26.54 29.87
CA THR A 82 19.43 -26.08 31.23
C THR A 82 20.81 -25.47 31.34
N ASP A 83 21.80 -26.11 30.70
CA ASP A 83 23.18 -25.63 30.70
C ASP A 83 23.23 -24.29 29.98
N ALA A 84 22.52 -24.15 28.84
CA ALA A 84 22.50 -22.90 28.10
C ALA A 84 21.94 -21.76 28.95
N VAL A 85 20.79 -21.98 29.60
CA VAL A 85 20.16 -20.96 30.41
C VAL A 85 21.06 -20.57 31.58
N SER A 86 21.67 -21.58 32.26
CA SER A 86 22.53 -21.32 33.41
C SER A 86 23.87 -20.70 33.08
N ALA A 87 24.29 -20.67 31.82
CA ALA A 87 25.60 -20.16 31.43
C ALA A 87 25.75 -18.66 31.47
N SER A 88 24.62 -17.93 31.39
CA SER A 88 24.66 -16.49 31.25
C SER A 88 23.56 -15.81 32.07
N PRO A 89 23.74 -14.52 32.42
CA PRO A 89 22.64 -13.81 33.09
C PRO A 89 21.44 -13.55 32.17
N VAL A 90 21.67 -13.53 30.83
CA VAL A 90 20.64 -13.27 29.82
C VAL A 90 20.58 -14.36 28.76
N THR A 91 19.36 -14.85 28.49
CA THR A 91 19.11 -15.76 27.38
C THR A 91 18.25 -15.02 26.35
N ILE A 92 18.71 -14.97 25.12
CA ILE A 92 17.96 -14.34 24.02
C ILE A 92 17.44 -15.49 23.18
N MET A 93 16.12 -15.61 23.02
CA MET A 93 15.57 -16.69 22.22
C MET A 93 15.10 -16.20 20.86
N CYS A 94 15.27 -17.04 19.85
CA CYS A 94 14.87 -16.71 18.48
C CYS A 94 14.49 -18.00 17.78
N LEU A 95 13.31 -18.53 18.12
CA LEU A 95 12.74 -19.78 17.62
C LEU A 95 11.66 -19.53 16.54
N ASN A 96 11.20 -20.58 15.84
CA ASN A 96 10.22 -20.42 14.76
C ASN A 96 8.89 -19.84 15.23
N ASN A 97 8.41 -20.26 16.41
CA ASN A 97 7.13 -19.79 16.92
C ASN A 97 7.11 -19.82 18.45
N TYR A 98 6.11 -19.21 19.05
CA TYR A 98 5.98 -19.17 20.49
C TYR A 98 5.68 -20.53 21.07
N ALA A 99 4.95 -21.40 20.34
CA ALA A 99 4.66 -22.75 20.85
C ALA A 99 5.94 -23.57 21.10
N THR A 100 6.94 -23.39 20.25
CA THR A 100 8.23 -24.06 20.37
C THR A 100 8.95 -23.76 21.69
N MET A 101 8.80 -22.52 22.21
CA MET A 101 9.41 -22.06 23.44
C MET A 101 9.07 -22.98 24.62
N TYR A 102 7.80 -23.39 24.76
CA TYR A 102 7.37 -24.26 25.85
C TYR A 102 8.04 -25.62 25.78
N GLU A 103 8.18 -26.17 24.58
CA GLU A 103 8.83 -27.47 24.40
C GLU A 103 10.34 -27.39 24.69
N VAL A 104 11.02 -26.38 24.12
CA VAL A 104 12.44 -26.17 24.32
C VAL A 104 12.82 -25.88 25.78
N PHE A 105 12.12 -24.93 26.41
CA PHE A 105 12.49 -24.50 27.76
C PHE A 105 11.91 -25.31 28.92
N GLY A 106 11.07 -26.32 28.61
CA GLY A 106 10.46 -27.23 29.59
C GLY A 106 11.43 -27.78 30.62
N PRO A 107 12.52 -28.44 30.18
CA PRO A 107 13.52 -28.95 31.13
C PRO A 107 14.29 -27.85 31.88
N ALA A 108 14.34 -26.64 31.33
CA ALA A 108 15.08 -25.53 31.97
C ALA A 108 14.20 -24.64 32.84
N ARG A 109 12.95 -25.05 33.13
CA ARG A 109 12.04 -24.19 33.88
C ARG A 109 12.59 -23.72 35.21
N GLU A 110 13.13 -24.63 36.05
CA GLU A 110 13.70 -24.23 37.33
C GLU A 110 14.95 -23.35 37.12
N ALA A 111 15.78 -23.69 36.13
CA ALA A 111 16.97 -22.89 35.86
C ALA A 111 16.65 -21.45 35.46
N LEU A 112 15.50 -21.20 34.79
CA LEU A 112 15.07 -19.88 34.34
C LEU A 112 14.73 -18.90 35.47
N ARG A 113 14.39 -19.42 36.68
CA ARG A 113 14.04 -18.54 37.81
C ARG A 113 15.17 -17.55 38.10
N ASP A 114 14.86 -16.26 38.27
CA ASP A 114 15.83 -15.20 38.54
C ASP A 114 16.84 -14.98 37.40
N ARG A 115 16.51 -15.41 36.18
CA ARG A 115 17.34 -15.17 35.00
C ARG A 115 16.52 -14.31 34.03
N VAL A 116 17.18 -13.74 33.01
CA VAL A 116 16.50 -12.88 32.05
C VAL A 116 16.25 -13.63 30.75
N LEU A 117 15.03 -13.57 30.24
CA LEU A 117 14.66 -14.18 28.96
C LEU A 117 14.16 -13.07 28.04
N VAL A 118 14.91 -12.82 26.94
CA VAL A 118 14.55 -11.84 25.94
C VAL A 118 13.99 -12.61 24.73
N ASN A 119 12.70 -12.48 24.48
CA ASN A 119 12.05 -13.23 23.43
C ASN A 119 11.96 -12.46 22.13
N LEU A 120 12.91 -12.69 21.19
CA LEU A 120 12.92 -11.99 19.91
C LEU A 120 12.10 -12.66 18.81
N ASN A 121 11.28 -13.66 19.15
CA ASN A 121 10.42 -14.29 18.13
C ASN A 121 9.40 -13.29 17.65
N SER A 122 9.04 -13.39 16.38
CA SER A 122 7.93 -12.64 15.85
C SER A 122 6.69 -13.51 16.20
N GLY A 123 5.52 -12.88 16.23
CA GLY A 123 4.30 -13.59 16.61
C GLY A 123 3.13 -12.65 16.79
N THR A 124 2.22 -13.03 17.68
CA THR A 124 1.00 -12.29 17.90
C THR A 124 0.79 -11.92 19.35
N PRO A 125 -0.09 -10.94 19.63
CA PRO A 125 -0.38 -10.58 21.03
C PRO A 125 -0.86 -11.73 21.92
N GLN A 126 -1.67 -12.67 21.39
CA GLN A 126 -2.14 -13.82 22.20
C GLN A 126 -0.97 -14.70 22.61
N GLU A 127 0.00 -14.88 21.70
CA GLU A 127 1.18 -15.68 22.02
C GLU A 127 2.04 -14.99 23.08
N VAL A 128 2.18 -13.67 23.01
CA VAL A 128 2.99 -12.92 23.96
C VAL A 128 2.35 -12.90 25.34
N ARG A 129 1.01 -12.72 25.42
CA ARG A 129 0.35 -12.74 26.73
C ARG A 129 0.53 -14.08 27.44
N ALA A 130 0.43 -15.18 26.69
CA ALA A 130 0.60 -16.51 27.26
C ALA A 130 2.05 -16.69 27.74
N ALA A 131 3.04 -16.22 26.95
CA ALA A 131 4.46 -16.32 27.29
C ALA A 131 4.78 -15.52 28.54
N VAL A 132 4.20 -14.31 28.66
CA VAL A 132 4.40 -13.44 29.83
C VAL A 132 3.86 -14.11 31.10
N SER A 133 2.74 -14.80 30.99
CA SER A 133 2.11 -15.48 32.12
C SER A 133 2.95 -16.68 32.54
N TRP A 134 3.44 -17.45 31.55
CA TRP A 134 4.30 -18.61 31.77
C TRP A 134 5.59 -18.16 32.45
N ALA A 135 6.19 -17.06 31.98
CA ALA A 135 7.44 -16.52 32.53
C ALA A 135 7.24 -16.01 33.94
N SER A 136 6.10 -15.37 34.20
CA SER A 136 5.81 -14.86 35.55
C SER A 136 5.66 -16.02 36.52
N ASP A 137 4.98 -17.10 36.10
CA ASP A 137 4.80 -18.28 36.93
C ASP A 137 6.16 -18.92 37.25
N LEU A 138 7.10 -18.91 36.30
CA LEU A 138 8.44 -19.46 36.53
C LEU A 138 9.35 -18.58 37.37
N GLY A 139 9.00 -17.31 37.55
CA GLY A 139 9.84 -16.38 38.28
C GLY A 139 10.99 -15.83 37.46
N THR A 140 10.87 -15.84 36.13
CA THR A 140 11.92 -15.33 35.26
C THR A 140 11.61 -13.90 34.83
N ARG A 141 12.66 -13.08 34.67
CA ARG A 141 12.48 -11.71 34.22
C ARG A 141 12.34 -11.78 32.69
N TYR A 142 11.18 -11.38 32.18
CA TYR A 142 10.90 -11.51 30.75
C TYR A 142 10.82 -10.16 30.04
N LEU A 143 11.33 -10.10 28.82
CA LEU A 143 11.22 -8.92 27.98
C LEU A 143 10.96 -9.42 26.56
N ASP A 144 9.84 -9.02 25.97
CA ASP A 144 9.52 -9.43 24.60
C ASP A 144 10.04 -8.40 23.63
N GLY A 145 10.51 -8.86 22.48
CA GLY A 145 11.00 -7.99 21.44
C GLY A 145 10.64 -8.47 20.05
N ALA A 146 10.97 -7.67 19.06
CA ALA A 146 10.75 -7.98 17.64
C ALA A 146 11.83 -7.33 16.81
N ILE A 147 12.33 -8.04 15.81
CA ILE A 147 13.45 -7.57 14.97
C ILE A 147 12.90 -6.96 13.70
N MET A 148 13.26 -5.71 13.40
CA MET A 148 12.71 -5.04 12.21
C MET A 148 13.52 -5.21 10.95
N VAL A 149 14.66 -5.88 11.02
CA VAL A 149 15.54 -6.07 9.87
C VAL A 149 15.77 -7.54 9.56
N PRO A 150 16.14 -7.84 8.31
CA PRO A 150 16.53 -9.23 8.01
C PRO A 150 17.92 -9.53 8.59
N PRO A 151 18.28 -10.82 8.68
CA PRO A 151 19.55 -11.20 9.33
C PRO A 151 20.80 -10.43 8.86
N PRO A 152 21.01 -10.14 7.55
CA PRO A 152 22.24 -9.44 7.16
C PRO A 152 22.36 -7.99 7.65
N LEU A 153 21.27 -7.41 8.18
CA LEU A 153 21.34 -6.04 8.67
C LEU A 153 21.48 -5.93 10.18
N VAL A 154 21.48 -7.04 10.91
CA VAL A 154 21.66 -7.08 12.35
C VAL A 154 23.11 -6.71 12.67
N GLY A 155 23.31 -6.01 13.77
CA GLY A 155 24.64 -5.59 14.20
C GLY A 155 24.98 -4.16 13.82
N ARG A 156 24.17 -3.54 12.99
CA ARG A 156 24.41 -2.17 12.51
C ARG A 156 23.70 -1.20 13.46
N PRO A 157 24.27 0.00 13.70
CA PRO A 157 23.66 0.94 14.66
C PRO A 157 22.26 1.42 14.33
N ASP A 158 21.81 1.30 13.08
CA ASP A 158 20.48 1.72 12.69
C ASP A 158 19.49 0.54 12.53
N ALA A 159 19.89 -0.71 12.86
CA ALA A 159 18.95 -1.85 12.71
C ALA A 159 18.04 -1.83 13.91
N VAL A 160 16.74 -1.56 13.70
CA VAL A 160 15.84 -1.40 14.84
C VAL A 160 15.30 -2.72 15.42
N PHE A 161 15.40 -2.84 16.75
CA PHE A 161 14.84 -3.94 17.53
C PHE A 161 13.81 -3.29 18.45
N LEU A 162 12.57 -3.72 18.37
CA LEU A 162 11.49 -3.16 19.21
C LEU A 162 11.40 -3.96 20.48
N TYR A 163 11.15 -3.30 21.62
CA TYR A 163 10.99 -3.99 22.89
C TYR A 163 9.77 -3.45 23.61
N SER A 164 9.11 -4.28 24.41
CA SER A 164 7.94 -3.87 25.17
C SER A 164 7.76 -4.80 26.35
N GLY A 165 7.27 -4.26 27.44
CA GLY A 165 7.10 -5.02 28.67
C GLY A 165 7.85 -4.36 29.81
N ASP A 166 8.65 -5.15 30.53
CA ASP A 166 9.46 -4.71 31.67
C ASP A 166 10.65 -3.85 31.26
N ARG A 167 10.54 -2.50 31.39
CA ARG A 167 11.64 -1.61 31.01
C ARG A 167 12.91 -1.79 31.80
N ALA A 168 12.78 -2.25 33.05
CA ALA A 168 13.93 -2.52 33.92
C ALA A 168 14.88 -3.58 33.31
N VAL A 169 14.33 -4.57 32.55
CA VAL A 169 15.15 -5.58 31.90
C VAL A 169 16.00 -4.92 30.83
N LEU A 170 15.38 -4.04 30.02
CA LEU A 170 16.06 -3.31 28.96
C LEU A 170 17.13 -2.38 29.53
N ASP A 171 16.81 -1.59 30.58
CA ASP A 171 17.81 -0.71 31.19
C ASP A 171 19.03 -1.49 31.69
N GLU A 172 18.81 -2.57 32.44
CA GLU A 172 19.91 -3.35 33.00
C GLU A 172 20.77 -4.05 31.94
N HIS A 173 20.15 -4.56 30.87
CA HIS A 173 20.89 -5.32 29.87
C HIS A 173 21.01 -4.59 28.54
N ARG A 174 20.96 -3.25 28.57
CA ARG A 174 21.02 -2.43 27.38
C ARG A 174 22.29 -2.59 26.61
N ALA A 175 23.44 -2.72 27.28
CA ALA A 175 24.71 -2.87 26.56
C ALA A 175 24.73 -4.11 25.65
N THR A 176 24.17 -5.22 26.13
CA THR A 176 24.09 -6.45 25.34
C THR A 176 23.14 -6.32 24.18
N LEU A 177 21.94 -5.78 24.42
CA LEU A 177 20.96 -5.60 23.38
C LEU A 177 21.42 -4.58 22.33
N ALA A 178 22.16 -3.54 22.75
CA ALA A 178 22.70 -2.53 21.84
C ALA A 178 23.76 -3.09 20.90
N SER A 179 24.37 -4.23 21.24
CA SER A 179 25.30 -4.91 20.32
C SER A 179 24.54 -5.43 19.10
N LEU A 180 23.24 -5.72 19.22
CA LEU A 180 22.47 -6.24 18.07
C LEU A 180 21.92 -5.17 17.15
N GLY A 181 21.75 -3.95 17.66
CA GLY A 181 21.25 -2.85 16.88
C GLY A 181 20.71 -1.74 17.77
N ASP A 182 19.71 -1.06 17.32
CA ASP A 182 19.09 0.05 18.05
C ASP A 182 17.88 -0.42 18.83
N PRO A 183 18.00 -0.56 20.16
CA PRO A 183 16.84 -0.98 20.96
C PRO A 183 15.86 0.17 21.17
N ARG A 184 14.59 -0.04 20.82
CA ARG A 184 13.55 0.95 20.97
C ARG A 184 12.41 0.40 21.80
N PHE A 185 12.25 0.94 23.03
CA PHE A 185 11.21 0.53 23.96
C PHE A 185 9.90 1.23 23.61
N LEU A 186 8.82 0.47 23.41
CA LEU A 186 7.54 1.04 23.01
C LEU A 186 6.56 1.32 24.14
N GLY A 187 6.72 0.65 25.27
CA GLY A 187 5.79 0.79 26.38
C GLY A 187 5.68 -0.47 27.22
N ALA A 188 4.94 -0.37 28.32
CA ALA A 188 4.78 -1.42 29.33
C ALA A 188 3.99 -2.64 28.84
N ASP A 189 3.10 -2.46 27.87
CA ASP A 189 2.28 -3.56 27.31
C ASP A 189 3.24 -4.49 26.57
N PRO A 190 3.41 -5.73 27.04
CA PRO A 190 4.39 -6.63 26.43
C PRO A 190 4.11 -7.03 24.99
N THR A 191 2.85 -6.90 24.54
CA THR A 191 2.49 -7.29 23.17
C THR A 191 2.87 -6.30 22.09
N LEU A 192 3.25 -5.08 22.45
CA LEU A 192 3.52 -4.03 21.49
C LEU A 192 4.58 -4.35 20.43
N ALA A 193 5.74 -4.91 20.82
CA ALA A 193 6.80 -5.17 19.85
C ALA A 193 6.36 -6.08 18.71
N VAL A 194 5.73 -7.27 19.01
CA VAL A 194 5.29 -8.14 17.91
C VAL A 194 4.16 -7.52 17.11
N LEU A 195 3.25 -6.81 17.77
CA LEU A 195 2.12 -6.20 17.09
C LEU A 195 2.59 -5.10 16.12
N TYR A 196 3.50 -4.24 16.57
CA TYR A 196 4.05 -3.19 15.73
C TYR A 196 4.87 -3.78 14.61
N ASN A 197 5.59 -4.88 14.86
CA ASN A 197 6.34 -5.56 13.81
C ASN A 197 5.37 -6.00 12.68
N THR A 198 4.27 -6.68 13.04
CA THR A 198 3.33 -7.12 12.01
C THR A 198 2.64 -5.94 11.32
N ALA A 199 2.29 -4.88 12.08
CA ALA A 199 1.59 -3.72 11.49
C ALA A 199 2.48 -2.92 10.57
N LEU A 200 3.72 -2.62 11.00
CA LEU A 200 4.62 -1.84 10.18
C LEU A 200 5.04 -2.62 8.98
N LEU A 201 5.35 -3.93 9.15
CA LEU A 201 5.73 -4.74 7.98
C LEU A 201 4.60 -4.85 7.00
N HIS A 202 3.32 -4.93 7.49
CA HIS A 202 2.19 -4.99 6.58
C HIS A 202 2.13 -3.70 5.73
N MET A 203 2.34 -2.52 6.35
CA MET A 203 2.38 -1.26 5.63
C MET A 203 3.45 -1.28 4.57
N MET A 204 4.62 -1.79 4.89
CA MET A 204 5.73 -1.86 3.94
C MET A 204 5.36 -2.76 2.75
N TYR A 205 4.89 -4.01 3.02
CA TYR A 205 4.50 -4.91 1.94
C TYR A 205 3.37 -4.37 1.10
N ALA A 206 2.33 -3.77 1.73
CA ALA A 206 1.20 -3.23 0.96
C ALA A 206 1.65 -2.11 0.02
N THR A 207 2.51 -1.23 0.51
CA THR A 207 2.99 -0.10 -0.24
C THR A 207 3.90 -0.56 -1.39
N LEU A 208 4.79 -1.50 -1.11
CA LEU A 208 5.68 -2.04 -2.16
C LEU A 208 4.85 -2.78 -3.20
N ASN A 209 3.87 -3.57 -2.76
CA ASN A 209 3.00 -4.31 -3.71
C ASN A 209 2.22 -3.32 -4.57
N GLY A 210 1.75 -2.20 -3.99
CA GLY A 210 1.00 -1.20 -4.77
C GLY A 210 1.85 -0.65 -5.91
N TYR A 211 3.09 -0.34 -5.58
CA TYR A 211 4.07 0.16 -6.53
C TYR A 211 4.41 -0.87 -7.66
N LEU A 212 4.61 -2.13 -7.26
CA LEU A 212 4.91 -3.18 -8.21
C LEU A 212 3.73 -3.50 -9.13
N GLN A 213 2.51 -3.49 -8.58
CA GLN A 213 1.30 -3.76 -9.35
C GLN A 213 1.10 -2.66 -10.37
N ALA A 214 1.29 -1.40 -9.95
CA ALA A 214 1.14 -0.25 -10.83
C ALA A 214 2.20 -0.29 -11.94
N THR A 215 3.43 -0.64 -11.59
CA THR A 215 4.52 -0.74 -12.57
C THR A 215 4.20 -1.86 -13.59
N ALA A 216 3.67 -3.00 -13.12
CA ALA A 216 3.31 -4.10 -14.03
C ALA A 216 2.17 -3.66 -14.96
N LEU A 217 1.21 -2.89 -14.43
CA LEU A 217 0.06 -2.44 -15.22
C LEU A 217 0.48 -1.51 -16.38
N VAL A 218 1.30 -0.48 -16.11
CA VAL A 218 1.78 0.38 -17.18
C VAL A 218 2.78 -0.35 -18.11
N GLY A 219 3.53 -1.29 -17.56
CA GLY A 219 4.48 -2.07 -18.35
C GLY A 219 3.78 -2.93 -19.39
N SER A 220 2.52 -3.34 -19.12
CA SER A 220 1.73 -4.10 -20.10
C SER A 220 1.43 -3.29 -21.36
N ALA A 221 1.57 -1.95 -21.29
CA ALA A 221 1.39 -1.05 -22.41
C ALA A 221 2.72 -0.50 -22.98
N GLY A 222 3.84 -1.08 -22.59
CA GLY A 222 5.15 -0.66 -23.08
C GLY A 222 5.83 0.45 -22.30
N VAL A 223 5.24 0.90 -21.17
CA VAL A 223 5.85 1.95 -20.35
C VAL A 223 6.89 1.31 -19.43
N SER A 224 8.13 1.78 -19.45
CA SER A 224 9.18 1.18 -18.63
C SER A 224 8.99 1.51 -17.14
N ALA A 225 9.54 0.67 -16.24
CA ALA A 225 9.48 0.89 -14.80
C ALA A 225 10.10 2.22 -14.44
N THR A 226 11.20 2.61 -15.10
CA THR A 226 11.83 3.90 -14.79
C THR A 226 11.02 5.09 -15.24
N GLU A 227 10.34 5.01 -16.43
CA GLU A 227 9.51 6.13 -16.88
C GLU A 227 8.35 6.31 -15.88
N PHE A 228 7.73 5.20 -15.46
CA PHE A 228 6.60 5.31 -14.55
C PHE A 228 7.03 5.80 -13.15
N ALA A 229 8.12 5.26 -12.61
CA ALA A 229 8.62 5.62 -11.28
C ALA A 229 8.88 7.13 -11.17
N ASP A 230 9.32 7.76 -12.28
CA ASP A 230 9.61 9.18 -12.23
C ASP A 230 8.34 9.99 -12.00
N ILE A 231 7.23 9.58 -12.63
CA ILE A 231 5.93 10.20 -12.49
C ILE A 231 5.29 9.87 -11.13
N ALA A 232 5.10 8.57 -10.85
CA ALA A 232 4.45 8.07 -9.65
C ALA A 232 5.15 8.44 -8.36
N LEU A 233 6.49 8.41 -8.35
CA LEU A 233 7.25 8.69 -7.14
C LEU A 233 7.85 10.10 -7.10
N GLY A 234 8.00 10.71 -8.26
CA GLY A 234 8.49 12.08 -8.34
C GLY A 234 7.36 13.07 -8.13
N TRP A 235 6.12 12.74 -8.56
CA TRP A 235 5.01 13.68 -8.38
C TRP A 235 3.89 13.14 -7.50
N PHE A 236 3.27 12.04 -7.92
CA PHE A 236 2.07 11.52 -7.25
C PHE A 236 2.24 11.17 -5.77
N ALA A 237 3.16 10.26 -5.42
CA ALA A 237 3.33 9.84 -4.04
C ALA A 237 3.69 11.00 -3.09
N PRO A 238 4.62 11.94 -3.39
CA PRO A 238 4.87 13.06 -2.45
C PRO A 238 3.69 14.02 -2.29
N SER A 239 2.83 14.15 -3.31
CA SER A 239 1.71 15.08 -3.23
C SER A 239 0.44 14.46 -2.65
N VAL A 240 0.25 13.16 -2.83
CA VAL A 240 -0.95 12.47 -2.36
C VAL A 240 -0.73 11.57 -1.11
N LEU A 241 0.43 10.96 -1.01
CA LEU A 241 0.70 9.97 0.03
C LEU A 241 1.78 10.36 1.03
N ALA A 242 1.99 11.67 1.28
CA ALA A 242 3.00 12.11 2.25
C ALA A 242 2.65 11.55 3.64
N PRO A 243 3.62 11.01 4.41
CA PRO A 243 3.28 10.45 5.74
C PRO A 243 2.49 11.40 6.64
N SER A 244 2.84 12.68 6.67
CA SER A 244 2.10 13.66 7.49
C SER A 244 0.64 13.84 7.04
N SER A 245 0.34 13.54 5.77
CA SER A 245 -1.02 13.62 5.28
C SER A 245 -1.80 12.39 5.76
N LEU A 246 -1.18 11.20 5.72
CA LEU A 246 -1.84 9.99 6.23
C LEU A 246 -2.07 10.15 7.74
N ALA A 247 -1.10 10.74 8.47
CA ALA A 247 -1.18 10.95 9.92
C ALA A 247 -2.31 11.90 10.32
N ALA A 248 -2.69 12.83 9.42
CA ALA A 248 -3.78 13.74 9.72
C ALA A 248 -5.13 12.99 9.77
N HIS A 249 -5.25 11.85 9.09
CA HIS A 249 -6.49 11.05 9.14
C HIS A 249 -6.63 10.30 10.48
N ALA A 250 -5.52 9.99 11.16
CA ALA A 250 -5.52 9.22 12.40
C ALA A 250 -6.53 9.68 13.43
N VAL A 251 -6.62 11.00 13.73
CA VAL A 251 -7.59 11.45 14.74
C VAL A 251 -9.03 11.13 14.33
N ASP A 252 -9.36 11.24 13.04
CA ASP A 252 -10.69 10.91 12.54
C ASP A 252 -10.93 9.40 12.49
N LEU A 253 -9.87 8.58 12.29
CA LEU A 253 -10.02 7.13 12.36
C LEU A 253 -10.44 6.74 13.81
N ASP A 254 -9.84 7.37 14.83
CA ASP A 254 -10.19 7.09 16.22
C ASP A 254 -11.64 7.52 16.53
N LYS A 255 -12.11 8.59 15.90
CA LYS A 255 -13.47 9.08 16.15
C LYS A 255 -14.53 8.40 15.28
N GLY A 256 -14.11 7.71 14.21
CA GLY A 256 -15.04 7.15 13.22
C GLY A 256 -15.70 8.27 12.43
N ASN A 257 -14.95 9.35 12.15
CA ASN A 257 -15.46 10.54 11.45
C ASN A 257 -14.92 10.54 10.04
N TYR A 258 -15.80 10.35 9.03
CA TYR A 258 -15.32 10.26 7.65
C TYR A 258 -16.12 11.13 6.68
N PRO A 259 -15.99 12.46 6.81
CA PRO A 259 -16.75 13.34 5.91
C PRO A 259 -16.43 13.12 4.43
N GLY A 260 -17.46 12.87 3.63
CA GLY A 260 -17.33 12.66 2.19
C GLY A 260 -17.64 13.86 1.32
N THR A 261 -17.48 15.07 1.85
CA THR A 261 -17.76 16.31 1.11
C THR A 261 -16.80 16.55 -0.04
N LEU A 262 -15.59 16.01 0.03
CA LEU A 262 -14.60 16.22 -1.02
C LEU A 262 -14.28 14.97 -1.81
N GLY A 263 -15.14 13.97 -1.75
CA GLY A 263 -14.98 12.72 -2.47
C GLY A 263 -15.57 11.58 -1.67
N THR A 264 -16.36 10.74 -2.31
CA THR A 264 -17.02 9.63 -1.62
C THR A 264 -16.41 8.28 -1.92
N LEU A 265 -16.63 7.35 -1.00
CA LEU A 265 -16.22 5.97 -1.09
C LEU A 265 -16.87 5.32 -2.30
N ARG A 266 -18.15 5.59 -2.58
CA ARG A 266 -18.81 5.03 -3.79
C ARG A 266 -18.04 5.38 -5.09
N MET A 267 -17.57 6.64 -5.19
CA MET A 267 -16.79 7.08 -6.34
C MET A 267 -15.44 6.39 -6.40
N ASN A 268 -14.81 6.17 -5.23
CA ASN A 268 -13.57 5.41 -5.15
C ASN A 268 -13.79 3.95 -5.54
N VAL A 269 -14.93 3.34 -5.19
CA VAL A 269 -15.26 1.99 -5.61
C VAL A 269 -15.36 1.89 -7.15
N ASN A 270 -15.94 2.91 -7.84
CA ASN A 270 -16.00 2.95 -9.30
C ASN A 270 -14.59 2.90 -9.89
N ALA A 271 -13.64 3.64 -9.28
CA ALA A 271 -12.25 3.66 -9.70
C ALA A 271 -11.61 2.31 -9.46
N LEU A 272 -11.81 1.71 -8.27
CA LEU A 272 -11.33 0.36 -7.95
C LEU A 272 -11.83 -0.71 -8.96
N GLU A 273 -13.03 -0.52 -9.49
CA GLU A 273 -13.60 -1.44 -10.47
C GLU A 273 -12.80 -1.34 -11.77
N HIS A 274 -12.52 -0.10 -12.22
CA HIS A 274 -11.74 0.11 -13.45
C HIS A 274 -10.33 -0.43 -13.26
N ILE A 275 -9.73 -0.24 -12.06
CA ILE A 275 -8.36 -0.76 -11.80
C ILE A 275 -8.32 -2.28 -11.97
N ALA A 276 -9.29 -2.98 -11.36
CA ALA A 276 -9.36 -4.44 -11.45
C ALA A 276 -9.63 -4.91 -12.88
N ARG A 277 -10.54 -4.22 -13.59
CA ARG A 277 -10.83 -4.56 -14.97
C ARG A 277 -9.60 -4.30 -15.83
N ALA A 278 -8.87 -3.19 -15.59
CA ALA A 278 -7.67 -2.90 -16.35
C ALA A 278 -6.63 -3.99 -16.19
N ALA A 279 -6.35 -4.44 -14.93
CA ALA A 279 -5.38 -5.47 -14.65
C ALA A 279 -5.76 -6.77 -15.38
N GLU A 280 -7.03 -7.13 -15.33
CA GLU A 280 -7.51 -8.32 -15.97
C GLU A 280 -7.38 -8.26 -17.51
N GLU A 281 -7.80 -7.15 -18.12
CA GLU A 281 -7.75 -6.99 -19.58
C GLU A 281 -6.31 -6.89 -20.07
N GLN A 282 -5.45 -6.23 -19.31
CA GLN A 282 -4.02 -6.07 -19.63
C GLN A 282 -3.18 -7.33 -19.43
N GLY A 283 -3.74 -8.36 -18.78
CA GLY A 283 -3.02 -9.60 -18.57
C GLY A 283 -1.98 -9.58 -17.46
N VAL A 284 -2.14 -8.71 -16.46
CA VAL A 284 -1.25 -8.70 -15.30
C VAL A 284 -2.08 -9.18 -14.07
N HIS A 285 -1.44 -9.37 -12.89
CA HIS A 285 -2.10 -9.83 -11.68
C HIS A 285 -3.38 -9.02 -11.37
N SER A 286 -4.52 -9.71 -11.10
CA SER A 286 -5.77 -8.97 -10.84
C SER A 286 -6.50 -9.39 -9.58
N GLU A 287 -6.01 -10.44 -8.86
CA GLU A 287 -6.67 -10.86 -7.63
C GLU A 287 -6.64 -9.80 -6.54
N LEU A 288 -5.43 -9.22 -6.25
CA LEU A 288 -5.33 -8.15 -5.24
C LEU A 288 -6.22 -6.96 -5.58
N PRO A 289 -6.17 -6.40 -6.82
CA PRO A 289 -7.13 -5.35 -7.17
C PRO A 289 -8.61 -5.74 -6.98
N HIS A 290 -9.02 -6.98 -7.36
CA HIS A 290 -10.40 -7.41 -7.18
C HIS A 290 -10.77 -7.47 -5.70
N LEU A 291 -9.85 -8.01 -4.84
CA LEU A 291 -10.11 -8.09 -3.42
C LEU A 291 -10.21 -6.70 -2.78
N MET A 292 -9.35 -5.75 -3.19
CA MET A 292 -9.44 -4.38 -2.68
C MET A 292 -10.79 -3.75 -3.03
N ARG A 293 -11.29 -4.01 -4.25
CA ARG A 293 -12.60 -3.52 -4.67
C ARG A 293 -13.69 -4.13 -3.78
N GLU A 294 -13.61 -5.46 -3.56
CA GLU A 294 -14.55 -6.20 -2.73
C GLU A 294 -14.59 -5.66 -1.29
N VAL A 295 -13.42 -5.45 -0.66
CA VAL A 295 -13.35 -4.93 0.70
C VAL A 295 -13.97 -3.51 0.82
N ALA A 296 -13.71 -2.64 -0.18
CA ALA A 296 -14.31 -1.29 -0.18
C ALA A 296 -15.83 -1.36 -0.34
N GLU A 297 -16.30 -2.31 -1.16
CA GLU A 297 -17.74 -2.53 -1.32
C GLU A 297 -18.40 -2.96 -0.02
N ARG A 298 -17.70 -3.72 0.82
CA ARG A 298 -18.24 -4.13 2.12
C ARG A 298 -18.55 -2.91 3.01
N ALA A 299 -17.71 -1.85 2.98
CA ALA A 299 -17.98 -0.65 3.77
C ALA A 299 -19.12 0.14 3.16
N VAL A 300 -19.27 0.11 1.80
CA VAL A 300 -20.41 0.78 1.14
C VAL A 300 -21.71 0.08 1.62
N ALA A 301 -21.70 -1.28 1.64
CA ALA A 301 -22.87 -2.06 2.08
C ALA A 301 -23.29 -1.71 3.52
N GLN A 302 -22.32 -1.28 4.35
CA GLN A 302 -22.57 -0.89 5.72
C GLN A 302 -22.87 0.61 5.94
N GLY A 303 -23.28 1.29 4.88
CA GLY A 303 -23.68 2.69 4.97
C GLY A 303 -22.60 3.75 4.83
N HIS A 304 -21.42 3.37 4.31
CA HIS A 304 -20.32 4.33 4.14
C HIS A 304 -20.11 4.84 2.73
N GLY A 305 -21.07 4.60 1.84
CA GLY A 305 -20.94 5.03 0.44
C GLY A 305 -20.69 6.52 0.26
N ASP A 306 -21.33 7.37 1.08
CA ASP A 306 -21.15 8.80 0.97
C ASP A 306 -19.97 9.37 1.75
N HIS A 307 -19.34 8.57 2.59
CA HIS A 307 -18.22 8.94 3.42
C HIS A 307 -16.93 8.95 2.62
N ASN A 308 -15.83 9.57 3.13
CA ASN A 308 -14.56 9.54 2.37
C ASN A 308 -13.95 8.11 2.35
N TYR A 309 -12.90 7.90 1.53
CA TYR A 309 -12.26 6.62 1.38
C TYR A 309 -11.82 6.01 2.72
N MET A 310 -11.33 6.84 3.66
CA MET A 310 -10.84 6.32 4.94
C MET A 310 -11.89 5.55 5.77
N SER A 311 -13.20 5.69 5.43
CA SER A 311 -14.29 4.89 6.04
C SER A 311 -14.11 3.36 5.76
N VAL A 312 -13.27 2.98 4.76
N VAL A 312 -13.27 2.99 4.77
CA VAL A 312 -12.98 1.55 4.58
CA VAL A 312 -12.96 1.58 4.54
C VAL A 312 -12.24 0.99 5.78
C VAL A 312 -12.23 1.00 5.79
N TYR A 313 -11.74 1.85 6.72
CA TYR A 313 -11.13 1.43 7.99
C TYR A 313 -12.15 0.56 8.76
N GLU A 314 -13.47 0.88 8.65
CA GLU A 314 -14.54 0.10 9.27
C GLU A 314 -14.58 -1.34 8.72
N ALA A 315 -14.25 -1.55 7.43
CA ALA A 315 -14.18 -2.89 6.84
C ALA A 315 -12.89 -3.60 7.30
N PHE A 316 -11.78 -2.85 7.49
CA PHE A 316 -10.54 -3.45 7.97
C PHE A 316 -10.62 -3.93 9.43
N LYS A 317 -11.49 -3.29 10.22
CA LYS A 317 -11.71 -3.68 11.62
C LYS A 317 -12.57 -4.95 11.74
N GLN A 318 -13.29 -5.34 10.67
CA GLN A 318 -14.14 -6.53 10.65
C GLN A 318 -13.36 -7.81 10.36
N PRO A 319 -13.66 -8.89 11.08
CA PRO A 319 -13.01 -10.17 10.78
C PRO A 319 -13.43 -10.69 9.40
N SER A 320 -12.53 -11.39 8.73
CA SER A 320 -12.83 -11.98 7.43
C SER A 320 -13.81 -13.13 7.56
N PRO B 31 -13.03 33.50 -23.71
CA PRO B 31 -13.24 32.08 -23.39
C PRO B 31 -14.21 31.47 -24.40
N ALA B 32 -13.77 30.44 -25.10
CA ALA B 32 -14.55 29.84 -26.17
C ALA B 32 -15.78 29.05 -25.70
N PRO B 33 -16.80 28.93 -26.57
CA PRO B 33 -17.97 28.12 -26.20
C PRO B 33 -17.59 26.64 -26.05
N VAL B 34 -18.21 25.97 -25.09
CA VAL B 34 -17.91 24.58 -24.80
C VAL B 34 -19.20 23.80 -24.53
N THR B 35 -19.22 22.52 -24.94
CA THR B 35 -20.34 21.63 -24.64
C THR B 35 -19.91 20.55 -23.60
N VAL B 36 -20.75 20.28 -22.60
CA VAL B 36 -20.48 19.20 -21.66
C VAL B 36 -21.60 18.17 -21.83
N VAL B 37 -21.25 16.91 -22.13
CA VAL B 37 -22.23 15.84 -22.28
C VAL B 37 -22.06 14.88 -21.10
N GLY B 38 -23.11 14.77 -20.28
CA GLY B 38 -23.03 13.92 -19.11
C GLY B 38 -23.03 14.78 -17.87
N LEU B 39 -24.14 14.79 -17.13
CA LEU B 39 -24.28 15.61 -15.94
C LEU B 39 -24.42 14.79 -14.67
N GLY B 40 -23.54 13.81 -14.56
CA GLY B 40 -23.37 13.10 -13.30
C GLY B 40 -22.58 14.02 -12.38
N PRO B 41 -22.21 13.53 -11.19
CA PRO B 41 -21.49 14.38 -10.25
C PRO B 41 -20.25 15.06 -10.83
N MET B 42 -19.51 14.35 -11.71
CA MET B 42 -18.32 14.95 -12.31
C MET B 42 -18.70 15.95 -13.42
N GLY B 43 -19.56 15.55 -14.35
CA GLY B 43 -19.97 16.42 -15.44
C GLY B 43 -20.60 17.73 -14.98
N LEU B 44 -21.38 17.68 -13.87
CA LEU B 44 -22.01 18.88 -13.31
C LEU B 44 -20.93 19.89 -12.90
N VAL B 45 -19.84 19.40 -12.26
CA VAL B 45 -18.80 20.28 -11.80
C VAL B 45 -17.98 20.78 -12.97
N LEU B 46 -17.70 19.95 -13.98
CA LEU B 46 -16.97 20.42 -15.18
C LEU B 46 -17.71 21.64 -15.81
N ALA B 47 -19.04 21.51 -15.97
CA ALA B 47 -19.87 22.58 -16.56
C ALA B 47 -19.92 23.80 -15.67
N GLU B 48 -20.07 23.61 -14.34
CA GLU B 48 -20.14 24.70 -13.37
C GLU B 48 -18.85 25.51 -13.39
N VAL B 49 -17.71 24.82 -13.45
CA VAL B 49 -16.41 25.49 -13.51
C VAL B 49 -16.22 26.25 -14.85
N LEU B 50 -16.55 25.61 -15.98
CA LEU B 50 -16.44 26.26 -17.29
C LEU B 50 -17.30 27.54 -17.36
N LEU B 51 -18.51 27.47 -16.76
CA LEU B 51 -19.43 28.60 -16.69
C LEU B 51 -18.83 29.72 -15.83
N ALA B 52 -18.32 29.39 -14.62
CA ALA B 52 -17.70 30.34 -13.71
C ALA B 52 -16.49 31.01 -14.35
N LYS B 53 -15.73 30.26 -15.17
CA LYS B 53 -14.58 30.83 -15.87
C LYS B 53 -14.94 31.61 -17.14
N GLY B 54 -16.23 31.86 -17.38
CA GLY B 54 -16.70 32.69 -18.48
C GLY B 54 -17.04 32.04 -19.81
N HIS B 55 -16.95 30.70 -19.91
CA HIS B 55 -17.24 30.03 -21.17
C HIS B 55 -18.75 29.95 -21.41
N PRO B 56 -19.20 30.27 -22.64
CA PRO B 56 -20.61 30.03 -23.00
C PRO B 56 -20.79 28.50 -23.02
N THR B 57 -21.57 27.98 -22.09
CA THR B 57 -21.63 26.53 -21.88
C THR B 57 -22.94 25.88 -22.21
N THR B 58 -22.90 24.93 -23.12
CA THR B 58 -24.08 24.17 -23.50
C THR B 58 -23.97 22.80 -22.85
N VAL B 59 -25.05 22.32 -22.24
CA VAL B 59 -25.01 21.03 -21.57
C VAL B 59 -26.08 20.10 -22.09
N TRP B 60 -25.83 18.81 -21.97
CA TRP B 60 -26.79 17.79 -22.35
C TRP B 60 -26.67 16.63 -21.36
N ASN B 61 -27.82 16.07 -21.01
CA ASN B 61 -27.90 14.94 -20.12
C ASN B 61 -29.13 14.15 -20.49
N ARG B 62 -29.09 12.81 -20.33
CA ARG B 62 -30.27 11.98 -20.63
C ARG B 62 -31.50 12.44 -19.79
N THR B 63 -31.29 12.73 -18.52
CA THR B 63 -32.31 13.21 -17.57
C THR B 63 -32.09 14.72 -17.49
N PRO B 64 -32.93 15.52 -18.15
CA PRO B 64 -32.64 16.96 -18.26
C PRO B 64 -32.67 17.75 -16.95
N GLU B 65 -33.43 17.32 -15.93
CA GLU B 65 -33.52 17.99 -14.64
C GLU B 65 -32.18 18.16 -13.94
N ARG B 66 -31.16 17.35 -14.30
CA ARG B 66 -29.82 17.52 -13.73
C ARG B 66 -29.22 18.88 -14.11
N ALA B 67 -29.69 19.51 -15.19
CA ALA B 67 -29.18 20.79 -15.63
C ALA B 67 -29.88 21.99 -14.97
N SER B 68 -30.82 21.77 -14.03
CA SER B 68 -31.56 22.86 -13.42
C SER B 68 -30.70 23.99 -12.85
N GLY B 69 -29.72 23.62 -12.04
CA GLY B 69 -28.82 24.57 -11.40
C GLY B 69 -27.91 25.23 -12.40
N LEU B 70 -27.41 24.45 -13.37
CA LEU B 70 -26.55 24.99 -14.41
C LEU B 70 -27.28 26.03 -15.27
N VAL B 71 -28.55 25.79 -15.57
CA VAL B 71 -29.36 26.73 -16.35
C VAL B 71 -29.55 28.04 -15.56
N ALA B 72 -29.75 27.93 -14.22
CA ALA B 72 -29.84 29.12 -13.37
C ALA B 72 -28.52 29.90 -13.39
N GLN B 73 -27.39 29.22 -13.61
CA GLN B 73 -26.08 29.86 -13.67
C GLN B 73 -25.70 30.43 -15.06
N GLY B 74 -26.56 30.27 -16.07
CA GLY B 74 -26.28 30.78 -17.40
C GLY B 74 -25.98 29.76 -18.50
N ALA B 75 -26.04 28.46 -18.18
CA ALA B 75 -25.81 27.43 -19.19
C ALA B 75 -27.04 27.28 -20.08
N SER B 76 -26.83 26.78 -21.29
CA SER B 76 -27.89 26.51 -22.23
C SER B 76 -28.14 24.99 -22.25
N LEU B 77 -29.37 24.54 -21.96
CA LEU B 77 -29.70 23.11 -22.02
C LEU B 77 -30.05 22.77 -23.46
N ALA B 78 -29.21 21.96 -24.11
CA ALA B 78 -29.46 21.54 -25.47
C ALA B 78 -30.72 20.67 -25.54
N ALA B 79 -31.52 20.85 -26.59
CA ALA B 79 -32.72 20.04 -26.79
C ALA B 79 -32.37 18.61 -27.19
N SER B 80 -31.21 18.39 -27.83
CA SER B 80 -30.80 17.09 -28.28
C SER B 80 -29.27 16.93 -28.29
N ILE B 81 -28.77 15.70 -28.43
CA ILE B 81 -27.33 15.47 -28.49
C ILE B 81 -26.72 16.15 -29.72
N THR B 82 -27.45 16.18 -30.86
CA THR B 82 -26.96 16.84 -32.07
C THR B 82 -26.85 18.34 -31.86
N ASP B 83 -27.85 18.93 -31.20
CA ASP B 83 -27.84 20.35 -30.88
C ASP B 83 -26.66 20.65 -29.96
N ALA B 84 -26.45 19.80 -28.94
CA ALA B 84 -25.34 19.99 -28.01
C ALA B 84 -23.99 19.99 -28.73
N VAL B 85 -23.75 18.98 -29.57
CA VAL B 85 -22.50 18.86 -30.29
C VAL B 85 -22.29 20.05 -31.23
N SER B 86 -23.35 20.46 -31.95
CA SER B 86 -23.25 21.57 -32.91
C SER B 86 -23.11 22.95 -32.26
N ALA B 87 -23.37 23.08 -30.96
CA ALA B 87 -23.34 24.37 -30.29
C ALA B 87 -21.95 24.93 -30.04
N SER B 88 -20.92 24.06 -30.03
CA SER B 88 -19.58 24.48 -29.64
C SER B 88 -18.49 23.81 -30.48
N PRO B 89 -17.30 24.43 -30.56
CA PRO B 89 -16.20 23.76 -31.26
C PRO B 89 -15.68 22.54 -30.51
N VAL B 90 -15.90 22.48 -29.18
CA VAL B 90 -15.43 21.38 -28.32
C VAL B 90 -16.57 20.77 -27.51
N THR B 91 -16.66 19.43 -27.52
CA THR B 91 -17.57 18.69 -26.65
C THR B 91 -16.70 17.89 -25.65
N ILE B 92 -16.96 18.06 -24.38
CA ILE B 92 -16.25 17.33 -23.32
C ILE B 92 -17.26 16.32 -22.80
N MET B 93 -16.95 15.03 -22.86
CA MET B 93 -17.88 14.04 -22.37
C MET B 93 -17.41 13.44 -21.05
N CYS B 94 -18.38 13.14 -20.20
CA CYS B 94 -18.12 12.58 -18.91
C CYS B 94 -19.32 11.71 -18.53
N LEU B 95 -19.39 10.51 -19.14
CA LEU B 95 -20.47 9.54 -18.97
C LEU B 95 -20.05 8.37 -18.07
N ASN B 96 -21.01 7.52 -17.65
CA ASN B 96 -20.69 6.44 -16.73
C ASN B 96 -19.66 5.43 -17.27
N ASN B 97 -19.72 5.10 -18.56
CA ASN B 97 -18.77 4.16 -19.16
C ASN B 97 -18.54 4.46 -20.64
N TYR B 98 -17.52 3.83 -21.25
CA TYR B 98 -17.23 4.02 -22.67
C TYR B 98 -18.38 3.51 -23.55
N ALA B 99 -19.06 2.44 -23.13
CA ALA B 99 -20.16 1.87 -23.92
C ALA B 99 -21.32 2.87 -24.11
N THR B 100 -21.60 3.69 -23.08
CA THR B 100 -22.66 4.69 -23.13
C THR B 100 -22.44 5.73 -24.24
N MET B 101 -21.17 6.05 -24.52
CA MET B 101 -20.77 7.03 -25.52
C MET B 101 -21.38 6.71 -26.91
N TYR B 102 -21.32 5.43 -27.32
CA TYR B 102 -21.86 5.01 -28.62
C TYR B 102 -23.36 5.22 -28.70
N GLU B 103 -24.08 4.93 -27.61
CA GLU B 103 -25.53 5.10 -27.58
C GLU B 103 -25.91 6.59 -27.58
N VAL B 104 -25.28 7.40 -26.74
CA VAL B 104 -25.54 8.83 -26.62
C VAL B 104 -25.18 9.59 -27.91
N PHE B 105 -23.99 9.36 -28.48
CA PHE B 105 -23.54 10.13 -29.63
C PHE B 105 -23.98 9.61 -31.01
N GLY B 106 -24.69 8.47 -31.04
CA GLY B 106 -25.21 7.87 -32.27
C GLY B 106 -25.92 8.84 -33.20
N PRO B 107 -26.95 9.55 -32.70
CA PRO B 107 -27.63 10.54 -33.55
C PRO B 107 -26.77 11.74 -33.92
N ALA B 108 -25.71 12.04 -33.14
CA ALA B 108 -24.86 13.19 -33.42
C ALA B 108 -23.60 12.83 -34.21
N ARG B 109 -23.53 11.63 -34.81
CA ARG B 109 -22.33 11.21 -35.53
C ARG B 109 -21.89 12.18 -36.61
N GLU B 110 -22.82 12.68 -37.47
CA GLU B 110 -22.41 13.66 -38.48
C GLU B 110 -22.07 15.01 -37.85
N ALA B 111 -22.75 15.40 -36.73
CA ALA B 111 -22.41 16.67 -36.06
C ALA B 111 -21.00 16.65 -35.48
N LEU B 112 -20.50 15.45 -35.13
CA LEU B 112 -19.16 15.32 -34.58
C LEU B 112 -18.07 15.51 -35.60
N ARG B 113 -18.35 15.36 -36.90
CA ARG B 113 -17.32 15.53 -37.93
C ARG B 113 -16.67 16.91 -37.87
N ASP B 114 -15.34 16.98 -37.91
CA ASP B 114 -14.62 18.25 -37.85
C ASP B 114 -14.85 19.03 -36.54
N ARG B 115 -15.32 18.35 -35.49
CA ARG B 115 -15.48 18.93 -34.17
C ARG B 115 -14.53 18.19 -33.20
N VAL B 116 -14.33 18.73 -32.01
CA VAL B 116 -13.43 18.12 -31.04
C VAL B 116 -14.21 17.38 -29.97
N LEU B 117 -13.81 16.15 -29.68
CA LEU B 117 -14.41 15.35 -28.60
C LEU B 117 -13.32 15.02 -27.58
N VAL B 118 -13.47 15.54 -26.35
CA VAL B 118 -12.56 15.30 -25.25
C VAL B 118 -13.23 14.29 -24.32
N ASN B 119 -12.70 13.08 -24.27
CA ASN B 119 -13.31 12.01 -23.47
C ASN B 119 -12.69 11.88 -22.10
N LEU B 120 -13.33 12.48 -21.09
CA LEU B 120 -12.81 12.42 -19.72
C LEU B 120 -13.30 11.25 -18.90
N ASN B 121 -13.94 10.26 -19.53
CA ASN B 121 -14.36 9.06 -18.81
C ASN B 121 -13.12 8.30 -18.32
N SER B 122 -13.24 7.62 -17.18
CA SER B 122 -12.16 6.73 -16.73
C SER B 122 -12.44 5.38 -17.38
N GLY B 123 -11.40 4.58 -17.57
CA GLY B 123 -11.59 3.28 -18.20
C GLY B 123 -10.32 2.52 -18.44
N THR B 124 -10.31 1.75 -19.51
CA THR B 124 -9.17 0.89 -19.83
C THR B 124 -8.62 1.13 -21.22
N PRO B 125 -7.37 0.70 -21.49
CA PRO B 125 -6.82 0.85 -22.85
C PRO B 125 -7.66 0.24 -23.97
N GLN B 126 -8.31 -0.93 -23.74
CA GLN B 126 -9.15 -1.54 -24.79
C GLN B 126 -10.34 -0.65 -25.10
N GLU B 127 -10.93 -0.01 -24.08
CA GLU B 127 -12.06 0.91 -24.31
C GLU B 127 -11.62 2.16 -25.09
N VAL B 128 -10.44 2.68 -24.78
CA VAL B 128 -9.90 3.86 -25.46
C VAL B 128 -9.55 3.56 -26.90
N ARG B 129 -8.92 2.40 -27.18
CA ARG B 129 -8.60 2.04 -28.57
C ARG B 129 -9.86 1.95 -29.44
N ALA B 130 -10.93 1.35 -28.89
CA ALA B 130 -12.18 1.24 -29.63
C ALA B 130 -12.79 2.63 -29.92
N ALA B 131 -12.75 3.53 -28.91
CA ALA B 131 -13.27 4.90 -29.02
C ALA B 131 -12.48 5.69 -30.05
N VAL B 132 -11.14 5.53 -30.07
CA VAL B 132 -10.26 6.22 -31.02
C VAL B 132 -10.59 5.78 -32.46
N SER B 133 -10.89 4.50 -32.65
CA SER B 133 -11.20 3.95 -33.96
C SER B 133 -12.57 4.48 -34.43
N TRP B 134 -13.54 4.52 -33.52
CA TRP B 134 -14.88 5.04 -33.79
C TRP B 134 -14.79 6.52 -34.17
N ALA B 135 -13.99 7.30 -33.42
CA ALA B 135 -13.81 8.72 -33.65
C ALA B 135 -13.11 9.00 -34.97
N SER B 136 -12.13 8.17 -35.32
CA SER B 136 -11.41 8.32 -36.57
C SER B 136 -12.35 8.06 -37.74
N ASP B 137 -13.20 7.04 -37.63
CA ASP B 137 -14.16 6.71 -38.68
C ASP B 137 -15.15 7.88 -38.87
N LEU B 138 -15.55 8.55 -37.79
CA LEU B 138 -16.46 9.69 -37.87
C LEU B 138 -15.82 10.98 -38.40
N GLY B 139 -14.49 11.04 -38.39
CA GLY B 139 -13.79 12.25 -38.80
C GLY B 139 -13.76 13.31 -37.72
N THR B 140 -13.90 12.90 -36.44
CA THR B 140 -13.86 13.84 -35.33
C THR B 140 -12.46 13.88 -34.72
N ARG B 141 -12.06 15.05 -34.23
CA ARG B 141 -10.77 15.20 -33.59
C ARG B 141 -10.96 14.72 -32.15
N TYR B 142 -10.29 13.65 -31.77
CA TYR B 142 -10.48 13.04 -30.46
C TYR B 142 -9.27 13.23 -29.55
N LEU B 143 -9.53 13.46 -28.27
CA LEU B 143 -8.48 13.54 -27.26
C LEU B 143 -9.01 12.84 -26.03
N ASP B 144 -8.32 11.80 -25.57
CA ASP B 144 -8.74 11.09 -24.38
C ASP B 144 -8.05 11.67 -23.16
N GLY B 145 -8.76 11.71 -22.07
CA GLY B 145 -8.22 12.21 -20.82
C GLY B 145 -8.70 11.42 -19.62
N ALA B 146 -8.13 11.74 -18.48
CA ALA B 146 -8.51 11.11 -17.22
C ALA B 146 -8.39 12.15 -16.12
N ILE B 147 -9.37 12.20 -15.22
CA ILE B 147 -9.40 13.18 -14.15
C ILE B 147 -8.83 12.57 -12.90
N MET B 148 -7.79 13.21 -12.31
CA MET B 148 -7.13 12.60 -11.13
C MET B 148 -7.74 12.97 -9.79
N VAL B 149 -8.75 13.84 -9.78
CA VAL B 149 -9.37 14.31 -8.54
C VAL B 149 -10.87 14.01 -8.51
N PRO B 150 -11.46 13.97 -7.31
CA PRO B 150 -12.93 13.86 -7.23
C PRO B 150 -13.59 15.20 -7.62
N PRO B 151 -14.90 15.19 -7.90
CA PRO B 151 -15.57 16.42 -8.39
C PRO B 151 -15.36 17.68 -7.58
N PRO B 152 -15.39 17.66 -6.23
CA PRO B 152 -15.19 18.92 -5.50
C PRO B 152 -13.82 19.54 -5.64
N LEU B 153 -12.83 18.83 -6.22
CA LEU B 153 -11.50 19.40 -6.39
C LEU B 153 -11.20 19.90 -7.78
N VAL B 154 -12.15 19.75 -8.74
CA VAL B 154 -12.01 20.26 -10.10
C VAL B 154 -12.11 21.78 -10.09
N GLY B 155 -11.38 22.44 -10.97
CA GLY B 155 -11.37 23.90 -11.07
C GLY B 155 -10.23 24.55 -10.32
N ARG B 156 -9.51 23.78 -9.51
CA ARG B 156 -8.38 24.27 -8.73
C ARG B 156 -7.10 24.13 -9.54
N PRO B 157 -6.13 25.06 -9.39
CA PRO B 157 -4.93 25.02 -10.23
C PRO B 157 -4.05 23.77 -10.12
N ASP B 158 -4.19 23.02 -9.02
CA ASP B 158 -3.42 21.81 -8.80
C ASP B 158 -4.20 20.53 -9.13
N ALA B 159 -5.45 20.61 -9.63
CA ALA B 159 -6.22 19.39 -9.91
C ALA B 159 -5.73 18.85 -11.24
N VAL B 160 -5.05 17.71 -11.23
CA VAL B 160 -4.45 17.19 -12.44
C VAL B 160 -5.44 16.44 -13.36
N PHE B 161 -5.42 16.81 -14.65
CA PHE B 161 -6.16 16.13 -15.70
C PHE B 161 -5.09 15.60 -16.65
N LEU B 162 -5.06 14.29 -16.87
CA LEU B 162 -4.09 13.67 -17.76
C LEU B 162 -4.66 13.61 -19.15
N TYR B 163 -3.83 13.84 -20.18
CA TYR B 163 -4.29 13.75 -21.56
C TYR B 163 -3.28 12.96 -22.38
N SER B 164 -3.77 12.26 -23.40
CA SER B 164 -2.91 11.49 -24.27
C SER B 164 -3.62 11.29 -25.60
N GLY B 165 -2.84 11.26 -26.67
CA GLY B 165 -3.39 11.13 -28.02
C GLY B 165 -2.93 12.27 -28.91
N ASP B 166 -3.86 12.91 -29.58
CA ASP B 166 -3.60 14.00 -30.53
C ASP B 166 -3.22 15.29 -29.79
N ARG B 167 -1.91 15.60 -29.75
CA ARG B 167 -1.38 16.79 -29.07
C ARG B 167 -1.94 18.10 -29.61
N ALA B 168 -2.23 18.12 -30.91
CA ALA B 168 -2.77 19.30 -31.58
C ALA B 168 -4.12 19.73 -30.99
N VAL B 169 -4.95 18.76 -30.52
CA VAL B 169 -6.24 19.06 -29.90
C VAL B 169 -6.00 19.82 -28.60
N LEU B 170 -5.06 19.34 -27.78
CA LEU B 170 -4.71 19.98 -26.52
C LEU B 170 -4.13 21.37 -26.75
N ASP B 171 -3.18 21.53 -27.68
CA ASP B 171 -2.60 22.85 -27.96
C ASP B 171 -3.66 23.86 -28.39
N GLU B 172 -4.54 23.49 -29.33
CA GLU B 172 -5.57 24.40 -29.83
C GLU B 172 -6.63 24.76 -28.78
N HIS B 173 -7.00 23.80 -27.94
CA HIS B 173 -8.05 24.04 -26.95
C HIS B 173 -7.56 24.10 -25.52
N ARG B 174 -6.28 24.49 -25.35
CA ARG B 174 -5.59 24.57 -24.07
C ARG B 174 -6.26 25.48 -23.11
N ALA B 175 -6.74 26.65 -23.55
CA ALA B 175 -7.37 27.60 -22.65
C ALA B 175 -8.61 27.02 -21.99
N THR B 176 -9.40 26.25 -22.75
CA THR B 176 -10.63 25.65 -22.21
C THR B 176 -10.32 24.56 -21.21
N LEU B 177 -9.39 23.67 -21.55
CA LEU B 177 -9.01 22.59 -20.66
C LEU B 177 -8.35 23.11 -19.38
N ALA B 178 -7.54 24.19 -19.49
CA ALA B 178 -6.88 24.81 -18.34
C ALA B 178 -7.86 25.42 -17.35
N SER B 179 -9.10 25.71 -17.78
CA SER B 179 -10.13 26.20 -16.86
C SER B 179 -10.51 25.09 -15.86
N LEU B 180 -10.36 23.80 -16.23
CA LEU B 180 -10.73 22.68 -15.35
C LEU B 180 -9.67 22.29 -14.33
N GLY B 181 -8.43 22.62 -14.62
CA GLY B 181 -7.32 22.31 -13.72
C GLY B 181 -6.01 22.34 -14.46
N ASP B 182 -5.10 21.47 -14.06
CA ASP B 182 -3.78 21.39 -14.67
C ASP B 182 -3.71 20.31 -15.75
N PRO B 183 -3.74 20.67 -17.04
CA PRO B 183 -3.66 19.65 -18.10
C PRO B 183 -2.24 19.14 -18.26
N ARG B 184 -2.05 17.83 -18.20
CA ARG B 184 -0.72 17.23 -18.38
C ARG B 184 -0.76 16.20 -19.51
N PHE B 185 -0.10 16.50 -20.63
CA PHE B 185 -0.03 15.65 -21.81
C PHE B 185 1.04 14.60 -21.62
N LEU B 186 0.69 13.31 -21.72
CA LEU B 186 1.62 12.21 -21.49
C LEU B 186 2.32 11.66 -22.73
N GLY B 187 1.71 11.85 -23.90
CA GLY B 187 2.27 11.30 -25.14
C GLY B 187 1.21 10.96 -26.17
N ALA B 188 1.66 10.56 -27.35
CA ALA B 188 0.82 10.27 -28.52
C ALA B 188 -0.10 9.05 -28.37
N ASP B 189 0.29 8.07 -27.56
CA ASP B 189 -0.51 6.87 -27.33
C ASP B 189 -1.77 7.29 -26.58
N PRO B 190 -2.95 7.16 -27.21
CA PRO B 190 -4.19 7.64 -26.58
C PRO B 190 -4.60 6.95 -25.28
N THR B 191 -4.08 5.73 -25.04
CA THR B 191 -4.47 4.98 -23.86
C THR B 191 -3.74 5.37 -22.58
N LEU B 192 -2.68 6.20 -22.68
CA LEU B 192 -1.86 6.56 -21.52
C LEU B 192 -2.62 7.20 -20.35
N ALA B 193 -3.50 8.18 -20.60
CA ALA B 193 -4.24 8.87 -19.53
C ALA B 193 -5.02 7.92 -18.65
N VAL B 194 -5.88 7.04 -19.25
CA VAL B 194 -6.65 6.11 -18.43
C VAL B 194 -5.77 5.10 -17.73
N LEU B 195 -4.72 4.64 -18.40
CA LEU B 195 -3.83 3.62 -17.84
C LEU B 195 -3.07 4.18 -16.62
N TYR B 196 -2.51 5.38 -16.75
CA TYR B 196 -1.82 6.04 -15.65
C TYR B 196 -2.78 6.36 -14.53
N ASN B 197 -4.03 6.74 -14.85
CA ASN B 197 -5.06 6.96 -13.81
C ASN B 197 -5.25 5.68 -12.98
N THR B 198 -5.45 4.52 -13.64
CA THR B 198 -5.63 3.28 -12.89
C THR B 198 -4.36 2.89 -12.12
N ALA B 199 -3.17 3.09 -12.71
CA ALA B 199 -1.92 2.70 -12.02
C ALA B 199 -1.61 3.56 -10.80
N LEU B 200 -1.74 4.89 -10.96
CA LEU B 200 -1.46 5.80 -9.86
C LEU B 200 -2.51 5.65 -8.78
N LEU B 201 -3.79 5.52 -9.17
CA LEU B 201 -4.83 5.32 -8.15
C LEU B 201 -4.63 4.02 -7.42
N HIS B 202 -4.14 2.95 -8.11
CA HIS B 202 -3.91 1.66 -7.45
C HIS B 202 -2.86 1.86 -6.36
N MET B 203 -1.78 2.58 -6.65
CA MET B 203 -0.74 2.88 -5.66
C MET B 203 -1.34 3.60 -4.46
N MET B 204 -2.20 4.59 -4.70
CA MET B 204 -2.85 5.32 -3.62
C MET B 204 -3.71 4.37 -2.75
N TYR B 205 -4.61 3.58 -3.37
CA TYR B 205 -5.45 2.67 -2.60
C TYR B 205 -4.64 1.63 -1.84
N ALA B 206 -3.60 1.05 -2.48
CA ALA B 206 -2.80 0.03 -1.80
C ALA B 206 -2.10 0.61 -0.55
N THR B 207 -1.56 1.82 -0.69
CA THR B 207 -0.86 2.48 0.41
C THR B 207 -1.83 2.87 1.53
N LEU B 208 -3.00 3.38 1.19
CA LEU B 208 -4.00 3.74 2.18
C LEU B 208 -4.53 2.49 2.86
N ASN B 209 -4.77 1.41 2.09
CA ASN B 209 -5.25 0.15 2.68
C ASN B 209 -4.20 -0.41 3.62
N GLY B 210 -2.90 -0.31 3.27
CA GLY B 210 -1.84 -0.81 4.14
C GLY B 210 -1.85 -0.11 5.49
N TYR B 211 -2.01 1.19 5.46
CA TYR B 211 -2.09 2.04 6.63
C TYR B 211 -3.33 1.73 7.48
N LEU B 212 -4.49 1.57 6.83
CA LEU B 212 -5.73 1.26 7.52
C LEU B 212 -5.70 -0.13 8.16
N GLN B 213 -5.13 -1.13 7.45
CA GLN B 213 -5.05 -2.49 7.94
C GLN B 213 -4.14 -2.50 9.16
N ALA B 214 -2.97 -1.83 9.08
CA ALA B 214 -2.03 -1.76 10.19
C ALA B 214 -2.67 -1.04 11.39
N THR B 215 -3.43 0.03 11.14
CA THR B 215 -4.08 0.78 12.22
C THR B 215 -5.15 -0.13 12.88
N ALA B 216 -5.91 -0.88 12.06
CA ALA B 216 -6.94 -1.77 12.61
C ALA B 216 -6.27 -2.89 13.44
N LEU B 217 -5.10 -3.39 13.00
CA LEU B 217 -4.40 -4.46 13.71
C LEU B 217 -3.93 -4.02 15.10
N VAL B 218 -3.25 -2.86 15.22
CA VAL B 218 -2.84 -2.35 16.51
C VAL B 218 -4.04 -1.89 17.36
N GLY B 219 -5.08 -1.39 16.72
CA GLY B 219 -6.29 -0.96 17.41
C GLY B 219 -7.01 -2.11 18.09
N SER B 220 -6.88 -3.34 17.53
CA SER B 220 -7.47 -4.53 18.17
C SER B 220 -6.85 -4.81 19.54
N ALA B 221 -5.65 -4.24 19.83
CA ALA B 221 -4.98 -4.36 21.11
C ALA B 221 -5.04 -3.07 21.97
N GLY B 222 -5.91 -2.13 21.61
CA GLY B 222 -6.08 -0.91 22.38
C GLY B 222 -5.17 0.25 22.00
N VAL B 223 -4.36 0.11 20.94
CA VAL B 223 -3.49 1.19 20.51
C VAL B 223 -4.29 2.15 19.61
N SER B 224 -4.27 3.45 19.94
CA SER B 224 -5.06 4.42 19.16
C SER B 224 -4.41 4.65 17.81
N ALA B 225 -5.22 5.16 16.84
CA ALA B 225 -4.69 5.43 15.53
C ALA B 225 -3.60 6.52 15.64
N THR B 226 -3.80 7.54 16.48
CA THR B 226 -2.80 8.62 16.58
C THR B 226 -1.53 8.15 17.26
N GLU B 227 -1.63 7.26 18.27
CA GLU B 227 -0.45 6.71 18.91
C GLU B 227 0.35 5.88 17.84
N PHE B 228 -0.33 5.06 17.02
CA PHE B 228 0.34 4.28 15.99
C PHE B 228 0.99 5.18 14.90
N ALA B 229 0.36 6.31 14.56
CA ALA B 229 0.90 7.25 13.56
C ALA B 229 2.26 7.84 14.02
N ASP B 230 2.46 8.03 15.34
CA ASP B 230 3.75 8.52 15.84
C ASP B 230 4.91 7.62 15.40
N ILE B 231 4.73 6.29 15.50
CA ILE B 231 5.81 5.38 15.15
C ILE B 231 5.81 5.09 13.66
N ALA B 232 4.63 4.77 13.10
CA ALA B 232 4.49 4.36 11.70
C ALA B 232 4.76 5.47 10.68
N LEU B 233 4.24 6.66 10.94
CA LEU B 233 4.39 7.77 10.01
C LEU B 233 5.47 8.74 10.44
N GLY B 234 5.82 8.76 11.73
CA GLY B 234 6.86 9.63 12.23
C GLY B 234 8.23 9.03 12.00
N TRP B 235 8.35 7.70 12.11
CA TRP B 235 9.65 7.05 11.93
C TRP B 235 9.68 6.08 10.75
N PHE B 236 8.86 5.02 10.79
CA PHE B 236 8.90 3.94 9.84
C PHE B 236 8.72 4.34 8.38
N ALA B 237 7.60 4.96 8.02
CA ALA B 237 7.34 5.31 6.61
C ALA B 237 8.38 6.26 6.02
N PRO B 238 8.83 7.37 6.66
CA PRO B 238 9.88 8.20 6.05
C PRO B 238 11.24 7.51 5.90
N SER B 239 11.56 6.53 6.77
CA SER B 239 12.86 5.87 6.71
C SER B 239 12.88 4.64 5.82
N VAL B 240 11.75 3.95 5.69
CA VAL B 240 11.66 2.72 4.93
C VAL B 240 10.94 2.86 3.57
N LEU B 241 9.92 3.72 3.52
CA LEU B 241 9.08 3.85 2.35
C LEU B 241 9.15 5.20 1.64
N ALA B 242 10.30 5.89 1.72
CA ALA B 242 10.47 7.17 1.04
C ALA B 242 10.32 6.95 -0.47
N PRO B 243 9.57 7.80 -1.18
CA PRO B 243 9.41 7.61 -2.63
C PRO B 243 10.71 7.43 -3.39
N SER B 244 11.76 8.21 -3.06
CA SER B 244 13.05 8.09 -3.73
C SER B 244 13.71 6.72 -3.50
N SER B 245 13.37 6.05 -2.40
CA SER B 245 13.90 4.72 -2.13
C SER B 245 13.20 3.70 -3.02
N LEU B 246 11.85 3.80 -3.14
CA LEU B 246 11.11 2.90 -4.03
C LEU B 246 11.57 3.12 -5.49
N ALA B 247 11.80 4.40 -5.87
CA ALA B 247 12.23 4.75 -7.23
C ALA B 247 13.60 4.20 -7.60
N ALA B 248 14.46 3.98 -6.60
CA ALA B 248 15.78 3.42 -6.86
C ALA B 248 15.66 1.95 -7.35
N HIS B 249 14.56 1.25 -7.01
CA HIS B 249 14.36 -0.12 -7.48
C HIS B 249 13.95 -0.18 -8.95
N ALA B 250 13.32 0.91 -9.50
CA ALA B 250 12.83 0.94 -10.87
C ALA B 250 13.81 0.46 -11.94
N VAL B 251 15.07 0.91 -11.91
CA VAL B 251 16.03 0.47 -12.93
C VAL B 251 16.25 -1.06 -12.87
N ASP B 252 16.27 -1.64 -11.67
CA ASP B 252 16.42 -3.07 -11.49
C ASP B 252 15.14 -3.83 -11.86
N LEU B 253 13.95 -3.21 -11.72
CA LEU B 253 12.70 -3.85 -12.14
C LEU B 253 12.75 -4.02 -13.69
N ASP B 254 13.27 -3.00 -14.42
CA ASP B 254 13.39 -3.10 -15.88
C ASP B 254 14.41 -4.17 -16.30
N LYS B 255 15.46 -4.38 -15.49
CA LYS B 255 16.48 -5.38 -15.81
C LYS B 255 16.13 -6.79 -15.31
N GLY B 256 15.17 -6.92 -14.41
CA GLY B 256 14.84 -8.17 -13.74
C GLY B 256 15.98 -8.56 -12.78
N ASN B 257 16.61 -7.58 -12.15
CA ASN B 257 17.76 -7.77 -11.27
C ASN B 257 17.30 -7.57 -9.83
N TYR B 258 17.33 -8.61 -9.00
CA TYR B 258 16.83 -8.49 -7.63
C TYR B 258 17.79 -9.04 -6.58
N PRO B 259 18.95 -8.44 -6.38
CA PRO B 259 19.92 -8.95 -5.40
C PRO B 259 19.36 -9.03 -3.98
N GLY B 260 19.43 -10.21 -3.39
CA GLY B 260 18.90 -10.45 -2.07
C GLY B 260 19.97 -10.58 -1.00
N THR B 261 21.15 -10.01 -1.24
CA THR B 261 22.26 -10.07 -0.28
C THR B 261 21.92 -9.43 1.06
N LEU B 262 20.99 -8.48 1.09
CA LEU B 262 20.63 -7.82 2.35
C LEU B 262 19.25 -8.17 2.85
N GLY B 263 18.68 -9.26 2.35
CA GLY B 263 17.34 -9.69 2.74
C GLY B 263 16.71 -10.41 1.58
N THR B 264 16.33 -11.67 1.81
CA THR B 264 15.75 -12.54 0.77
C THR B 264 14.23 -12.66 0.88
N LEU B 265 13.59 -12.98 -0.24
CA LEU B 265 12.17 -13.16 -0.35
C LEU B 265 11.65 -14.27 0.55
N ARG B 266 12.39 -15.40 0.70
CA ARG B 266 12.03 -16.49 1.63
C ARG B 266 11.83 -15.95 3.05
N MET B 267 12.72 -15.07 3.51
CA MET B 267 12.59 -14.49 4.85
C MET B 267 11.39 -13.52 4.92
N ASN B 268 11.09 -12.81 3.81
CA ASN B 268 9.94 -11.92 3.78
C ASN B 268 8.64 -12.72 3.86
N VAL B 269 8.63 -13.91 3.23
CA VAL B 269 7.46 -14.80 3.26
C VAL B 269 7.13 -15.20 4.70
N ASN B 270 8.16 -15.48 5.52
CA ASN B 270 7.93 -15.84 6.91
C ASN B 270 7.23 -14.68 7.66
N ALA B 271 7.64 -13.40 7.41
CA ALA B 271 7.01 -12.26 8.06
C ALA B 271 5.55 -12.12 7.60
N LEU B 272 5.28 -12.36 6.31
CA LEU B 272 3.92 -12.30 5.75
C LEU B 272 3.02 -13.35 6.42
N GLU B 273 3.61 -14.53 6.74
CA GLU B 273 2.85 -15.59 7.42
C GLU B 273 2.40 -15.11 8.80
N HIS B 274 3.31 -14.43 9.54
CA HIS B 274 3.00 -13.91 10.87
C HIS B 274 1.94 -12.81 10.83
N ILE B 275 2.01 -11.95 9.81
CA ILE B 275 1.05 -10.86 9.67
C ILE B 275 -0.38 -11.38 9.50
N ALA B 276 -0.53 -12.38 8.60
CA ALA B 276 -1.85 -12.98 8.33
C ALA B 276 -2.44 -13.68 9.54
N ARG B 277 -1.61 -14.45 10.27
CA ARG B 277 -2.08 -15.14 11.47
C ARG B 277 -2.43 -14.12 12.57
N ALA B 278 -1.65 -13.02 12.69
CA ALA B 278 -2.00 -11.96 13.65
C ALA B 278 -3.35 -11.33 13.36
N ALA B 279 -3.62 -10.96 12.07
CA ALA B 279 -4.88 -10.36 11.68
C ALA B 279 -6.05 -11.28 11.99
N GLU B 280 -5.87 -12.57 11.68
CA GLU B 280 -6.90 -13.56 11.93
C GLU B 280 -7.18 -13.73 13.43
N GLU B 281 -6.12 -13.91 14.25
CA GLU B 281 -6.28 -14.11 15.69
C GLU B 281 -6.85 -12.88 16.36
N GLN B 282 -6.44 -11.68 15.91
CA GLN B 282 -6.92 -10.41 16.45
C GLN B 282 -8.35 -10.04 16.04
N GLY B 283 -8.93 -10.76 15.11
CA GLY B 283 -10.30 -10.49 14.68
C GLY B 283 -10.47 -9.30 13.75
N VAL B 284 -9.42 -8.91 13.02
CA VAL B 284 -9.53 -7.83 12.03
C VAL B 284 -9.42 -8.49 10.62
N HIS B 285 -9.65 -7.72 9.54
CA HIS B 285 -9.58 -8.23 8.17
C HIS B 285 -8.28 -9.06 7.90
N SER B 286 -8.41 -10.25 7.32
CA SER B 286 -7.22 -11.08 7.09
C SER B 286 -7.09 -11.61 5.66
N GLU B 287 -8.09 -11.37 4.79
CA GLU B 287 -8.00 -11.82 3.39
C GLU B 287 -6.87 -11.17 2.62
N LEU B 288 -6.75 -9.81 2.67
CA LEU B 288 -5.66 -9.12 1.98
C LEU B 288 -4.30 -9.60 2.49
N PRO B 289 -4.04 -9.64 3.82
CA PRO B 289 -2.77 -10.23 4.30
C PRO B 289 -2.51 -11.67 3.80
N HIS B 290 -3.53 -12.55 3.78
CA HIS B 290 -3.35 -13.90 3.29
C HIS B 290 -2.98 -13.93 1.82
N LEU B 291 -3.68 -13.10 1.00
CA LEU B 291 -3.40 -13.04 -0.43
C LEU B 291 -2.00 -12.49 -0.71
N MET B 292 -1.55 -11.48 0.05
CA MET B 292 -0.19 -10.96 -0.11
C MET B 292 0.84 -12.06 0.20
N ARG B 293 0.60 -12.87 1.23
CA ARG B 293 1.49 -14.00 1.56
C ARG B 293 1.50 -15.00 0.38
N GLU B 294 0.31 -15.33 -0.13
CA GLU B 294 0.16 -16.26 -1.26
C GLU B 294 0.90 -15.76 -2.51
N VAL B 295 0.76 -14.48 -2.87
CA VAL B 295 1.43 -13.93 -4.05
C VAL B 295 2.97 -13.97 -3.89
N ALA B 296 3.50 -13.68 -2.67
CA ALA B 296 4.95 -13.77 -2.42
C ALA B 296 5.44 -15.21 -2.51
N GLU B 297 4.63 -16.17 -2.05
CA GLU B 297 4.96 -17.58 -2.17
C GLU B 297 5.05 -18.02 -3.62
N ARG B 298 4.21 -17.44 -4.52
CA ARG B 298 4.25 -17.76 -5.93
C ARG B 298 5.58 -17.35 -6.52
N ALA B 299 6.11 -16.18 -6.13
CA ALA B 299 7.41 -15.73 -6.62
C ALA B 299 8.51 -16.71 -6.15
N VAL B 300 8.45 -17.16 -4.86
CA VAL B 300 9.38 -18.17 -4.32
C VAL B 300 9.34 -19.46 -5.19
N ALA B 301 8.12 -19.96 -5.50
CA ALA B 301 7.95 -21.15 -6.32
C ALA B 301 8.60 -21.00 -7.69
N GLN B 302 8.65 -19.76 -8.23
CA GLN B 302 9.22 -19.47 -9.54
C GLN B 302 10.69 -19.07 -9.49
N GLY B 303 11.40 -19.47 -8.43
CA GLY B 303 12.84 -19.29 -8.31
C GLY B 303 13.34 -17.96 -7.77
N HIS B 304 12.51 -17.21 -7.00
CA HIS B 304 12.96 -15.91 -6.48
C HIS B 304 13.30 -15.90 -4.99
N GLY B 305 13.43 -17.08 -4.37
CA GLY B 305 13.71 -17.21 -2.94
C GLY B 305 14.92 -16.45 -2.43
N ASP B 306 16.01 -16.44 -3.22
CA ASP B 306 17.25 -15.71 -2.89
C ASP B 306 17.14 -14.21 -3.15
N HIS B 307 16.21 -13.79 -4.00
CA HIS B 307 16.11 -12.40 -4.41
C HIS B 307 15.48 -11.49 -3.37
N ASN B 308 15.68 -10.17 -3.53
CA ASN B 308 15.03 -9.23 -2.61
C ASN B 308 13.50 -9.26 -2.85
N TYR B 309 12.72 -8.61 -1.98
CA TYR B 309 11.28 -8.62 -2.07
C TYR B 309 10.75 -8.11 -3.42
N MET B 310 11.45 -7.14 -4.04
CA MET B 310 11.00 -6.57 -5.31
C MET B 310 10.89 -7.57 -6.47
N SER B 311 11.45 -8.77 -6.31
CA SER B 311 11.29 -9.84 -7.30
C SER B 311 9.83 -10.24 -7.39
N VAL B 312 8.98 -9.95 -6.35
CA VAL B 312 7.55 -10.26 -6.47
C VAL B 312 6.92 -9.49 -7.63
N TYR B 313 7.66 -8.52 -8.26
CA TYR B 313 7.28 -7.84 -9.48
C TYR B 313 7.00 -8.88 -10.57
N GLU B 314 7.80 -9.98 -10.63
CA GLU B 314 7.61 -11.09 -11.57
C GLU B 314 6.24 -11.76 -11.38
N ALA B 315 5.75 -11.85 -10.15
CA ALA B 315 4.41 -12.41 -9.90
C ALA B 315 3.31 -11.39 -10.27
N PHE B 316 3.58 -10.08 -10.09
CA PHE B 316 2.61 -9.05 -10.45
C PHE B 316 2.42 -8.94 -11.98
N LYS B 317 3.47 -9.28 -12.76
CA LYS B 317 3.40 -9.30 -14.22
C LYS B 317 2.57 -10.46 -14.79
N GLN B 318 2.24 -11.47 -13.98
CA GLN B 318 1.53 -12.64 -14.51
C GLN B 318 0.03 -12.56 -14.31
N PRO B 319 -0.75 -12.93 -15.33
CA PRO B 319 -2.21 -12.89 -15.18
C PRO B 319 -2.68 -13.83 -14.11
N SER B 320 -3.76 -13.47 -13.41
CA SER B 320 -4.30 -14.29 -12.34
C SER B 320 -5.04 -15.48 -12.94
#